data_6T73
#
_entry.id   6T73
#
_cell.length_a   168.374
_cell.length_b   168.374
_cell.length_c   95.711
_cell.angle_alpha   90.000
_cell.angle_beta   90.000
_cell.angle_gamma   120.000
#
_symmetry.space_group_name_H-M   'P 65 2 2'
#
loop_
_entity.id
_entity.type
_entity.pdbx_description
1 polymer 'Ptaureo1a lov2 domain'
2 non-polymer 'FLAVIN MONONUCLEOTIDE'
3 non-polymer 'CHLORIDE ION'
#
_entity_poly.entity_id   1
_entity_poly.type   'polypeptide(L)'
_entity_poly.pdbx_seq_one_letter_code
;MGSSHHHHHHSSGLVPRGSHMDFSFIKALQTAQQNFVMTDPSLPDNPIVYASQGFLNLTGYSLDQILGRNCRFLQGPETD
PKAVERIRKAIEQGNDMSVCLLNYRVDGTTFWNQFFIAALRDAGGNVTNFVGVQCKVSDQYAATVTKQQEEEEEAAANDD
ED
;
_entity_poly.pdbx_strand_id   A,B,C
#
loop_
_chem_comp.id
_chem_comp.type
_chem_comp.name
_chem_comp.formula
CL non-polymer 'CHLORIDE ION' 'Cl -1'
FMN non-polymer 'FLAVIN MONONUCLEOTIDE' 'C17 H21 N4 O9 P'
#
# COMPACT_ATOMS: atom_id res chain seq x y z
N SER A 19 -8.22 8.69 -12.17
CA SER A 19 -7.41 9.86 -12.49
C SER A 19 -6.49 10.22 -11.32
N HIS A 20 -6.70 9.57 -10.19
CA HIS A 20 -5.91 9.80 -8.99
C HIS A 20 -5.47 8.45 -8.43
N MET A 21 -5.08 8.44 -7.16
CA MET A 21 -4.67 7.23 -6.46
C MET A 21 -5.65 6.96 -5.33
N ASP A 22 -6.46 5.91 -5.48
CA ASP A 22 -7.32 5.48 -4.39
C ASP A 22 -6.45 5.01 -3.22
N PHE A 23 -6.79 5.47 -2.02
CA PHE A 23 -5.94 5.19 -0.86
C PHE A 23 -5.86 3.70 -0.53
N SER A 24 -6.82 2.91 -1.02
CA SER A 24 -6.75 1.46 -0.83
C SER A 24 -5.45 0.90 -1.39
N PHE A 25 -5.00 1.43 -2.53
CA PHE A 25 -3.71 1.04 -3.10
C PHE A 25 -2.58 1.24 -2.10
N ILE A 26 -2.46 2.46 -1.57
CA ILE A 26 -1.36 2.78 -0.66
C ILE A 26 -1.45 1.96 0.61
N LYS A 27 -2.67 1.74 1.12
CA LYS A 27 -2.81 0.98 2.35
C LYS A 27 -2.41 -0.47 2.15
N ALA A 28 -2.99 -1.14 1.16
CA ALA A 28 -2.68 -2.54 0.94
C ALA A 28 -1.26 -2.75 0.43
N LEU A 29 -0.60 -1.69 -0.05
CA LEU A 29 0.78 -1.84 -0.48
C LEU A 29 1.71 -2.08 0.71
N GLN A 30 1.67 -1.19 1.71
CA GLN A 30 2.54 -1.32 2.87
C GLN A 30 2.31 -2.61 3.62
N THR A 31 1.18 -3.29 3.39
CA THR A 31 0.80 -4.45 4.17
C THR A 31 1.02 -5.77 3.42
N ALA A 32 0.81 -5.78 2.10
CA ALA A 32 0.87 -7.00 1.31
C ALA A 32 2.14 -7.79 1.59
N GLN A 33 1.97 -9.11 1.81
CA GLN A 33 3.08 -9.99 2.16
C GLN A 33 4.01 -10.26 0.97
N GLN A 34 3.71 -9.71 -0.19
CA GLN A 34 4.59 -9.80 -1.35
C GLN A 34 5.56 -8.63 -1.33
N ASN A 35 6.34 -8.47 -2.40
CA ASN A 35 7.42 -7.47 -2.47
C ASN A 35 7.00 -6.35 -3.41
N PHE A 36 6.42 -5.29 -2.84
CA PHE A 36 6.09 -4.09 -3.57
C PHE A 36 6.87 -2.90 -3.02
N VAL A 37 7.11 -1.92 -3.88
CA VAL A 37 7.68 -0.63 -3.49
C VAL A 37 7.06 0.46 -4.36
N MET A 38 7.03 1.67 -3.81
CA MET A 38 6.64 2.84 -4.58
C MET A 38 7.65 3.95 -4.31
N THR A 39 8.05 4.63 -5.38
CA THR A 39 9.06 5.68 -5.32
C THR A 39 8.50 6.97 -5.91
N ASP A 40 8.99 8.08 -5.39
CA ASP A 40 8.49 9.42 -5.75
C ASP A 40 9.51 10.12 -6.65
N PRO A 41 9.23 10.28 -7.95
CA PRO A 41 10.17 11.02 -8.81
C PRO A 41 10.23 12.51 -8.50
N SER A 42 9.24 13.06 -7.80
CA SER A 42 9.26 14.48 -7.49
C SER A 42 10.41 14.83 -6.54
N LEU A 43 10.72 13.93 -5.62
CA LEU A 43 11.84 14.13 -4.71
C LEU A 43 13.15 13.76 -5.40
N PRO A 44 14.27 14.35 -4.97
CA PRO A 44 15.56 14.01 -5.57
C PRO A 44 15.89 12.54 -5.37
N ASP A 45 16.58 11.97 -6.36
CA ASP A 45 17.06 10.58 -6.41
C ASP A 45 15.92 9.56 -6.49
N ASN A 46 14.67 10.00 -6.58
CA ASN A 46 13.52 9.11 -6.73
C ASN A 46 13.48 8.10 -5.59
N PRO A 47 13.22 8.52 -4.35
CA PRO A 47 13.32 7.62 -3.22
C PRO A 47 12.04 6.87 -2.93
N ILE A 48 12.18 5.81 -2.12
CA ILE A 48 11.05 4.97 -1.74
C ILE A 48 10.21 5.69 -0.71
N VAL A 49 8.91 5.80 -0.98
CA VAL A 49 7.98 6.38 -0.04
C VAL A 49 7.10 5.33 0.64
N TYR A 50 6.86 4.19 0.00
CA TYR A 50 6.10 3.10 0.58
C TYR A 50 6.74 1.78 0.20
N ALA A 51 6.84 0.87 1.18
CA ALA A 51 7.40 -0.45 0.95
C ALA A 51 6.53 -1.49 1.64
N SER A 52 6.45 -2.67 1.03
CA SER A 52 5.61 -3.74 1.54
C SER A 52 6.32 -4.47 2.69
N GLN A 53 5.52 -5.26 3.43
CA GLN A 53 6.09 -6.08 4.50
C GLN A 53 6.90 -7.24 3.92
N GLY A 54 6.40 -7.87 2.87
CA GLY A 54 7.15 -8.91 2.20
C GLY A 54 8.44 -8.40 1.60
N PHE A 55 8.48 -7.12 1.22
CA PHE A 55 9.73 -6.52 0.76
C PHE A 55 10.76 -6.50 1.87
N LEU A 56 10.34 -6.11 3.08
CA LEU A 56 11.26 -6.12 4.21
C LEU A 56 11.65 -7.55 4.61
N ASN A 57 10.75 -8.51 4.39
CA ASN A 57 11.10 -9.90 4.65
C ASN A 57 12.15 -10.40 3.67
N LEU A 58 11.98 -10.08 2.38
CA LEU A 58 12.91 -10.54 1.36
C LEU A 58 14.27 -9.86 1.51
N THR A 59 14.28 -8.54 1.59
CA THR A 59 15.56 -7.82 1.65
C THR A 59 16.21 -7.94 3.03
N GLY A 60 15.40 -8.09 4.09
CA GLY A 60 15.92 -8.18 5.43
C GLY A 60 16.17 -6.86 6.12
N TYR A 61 15.90 -5.74 5.45
CA TYR A 61 16.14 -4.43 6.02
C TYR A 61 14.98 -4.02 6.94
N SER A 62 15.28 -3.13 7.88
CA SER A 62 14.25 -2.47 8.64
C SER A 62 13.65 -1.33 7.83
N LEU A 63 12.50 -0.82 8.31
CA LEU A 63 11.79 0.20 7.55
C LEU A 63 12.59 1.49 7.45
N ASP A 64 13.28 1.87 8.53
CA ASP A 64 14.05 3.11 8.53
C ASP A 64 15.22 3.08 7.56
N GLN A 65 15.67 1.91 7.14
CA GLN A 65 16.76 1.79 6.18
C GLN A 65 16.27 1.81 4.73
N ILE A 66 14.97 1.98 4.52
CA ILE A 66 14.37 1.88 3.18
C ILE A 66 13.94 3.25 2.66
N LEU A 67 13.06 3.94 3.39
CA LEU A 67 12.53 5.20 2.90
C LEU A 67 13.63 6.25 2.75
N GLY A 68 13.40 7.21 1.86
CA GLY A 68 14.37 8.23 1.57
C GLY A 68 15.57 7.79 0.77
N ARG A 69 15.63 6.53 0.34
CA ARG A 69 16.75 5.99 -0.40
C ARG A 69 16.27 5.39 -1.72
N ASN A 70 17.15 5.36 -2.71
CA ASN A 70 16.91 4.68 -3.96
C ASN A 70 17.38 3.24 -3.85
N CYS A 71 16.76 2.37 -4.66
CA CYS A 71 16.91 0.93 -4.46
C CYS A 71 18.27 0.39 -4.87
N ARG A 72 19.21 1.29 -5.18
CA ARG A 72 20.57 0.87 -5.54
C ARG A 72 21.18 -0.01 -4.46
N PHE A 73 20.79 0.18 -3.19
CA PHE A 73 21.35 -0.62 -2.11
C PHE A 73 21.02 -2.10 -2.24
N LEU A 74 20.17 -2.49 -3.18
CA LEU A 74 19.96 -3.91 -3.45
C LEU A 74 21.02 -4.48 -4.38
N GLN A 75 21.67 -3.64 -5.18
CA GLN A 75 22.71 -4.08 -6.10
C GLN A 75 24.02 -4.28 -5.36
N GLY A 76 25.05 -4.70 -6.08
CA GLY A 76 26.35 -4.93 -5.49
C GLY A 76 27.44 -5.20 -6.50
N PRO A 77 28.44 -5.99 -6.11
CA PRO A 77 29.57 -6.25 -7.01
C PRO A 77 29.20 -7.05 -8.25
N GLU A 78 28.66 -8.25 -8.03
CA GLU A 78 28.33 -9.22 -9.07
C GLU A 78 26.99 -8.92 -9.75
N THR A 79 26.65 -7.65 -9.89
CA THR A 79 25.39 -7.25 -10.52
C THR A 79 25.68 -6.76 -11.93
N ASP A 80 24.87 -7.22 -12.88
CA ASP A 80 25.06 -6.89 -14.29
C ASP A 80 24.83 -5.39 -14.52
N PRO A 81 25.86 -4.61 -14.86
CA PRO A 81 25.65 -3.18 -15.06
C PRO A 81 24.88 -2.84 -16.33
N LYS A 82 24.87 -3.73 -17.32
CA LYS A 82 24.06 -3.50 -18.50
C LYS A 82 22.58 -3.45 -18.16
N ALA A 83 22.15 -4.34 -17.26
CA ALA A 83 20.76 -4.30 -16.80
C ALA A 83 20.47 -3.01 -16.04
N VAL A 84 21.44 -2.52 -15.27
CA VAL A 84 21.24 -1.27 -14.54
C VAL A 84 21.12 -0.09 -15.49
N GLU A 85 21.93 -0.08 -16.55
CA GLU A 85 21.80 0.97 -17.56
C GLU A 85 20.47 0.89 -18.29
N ARG A 86 20.02 -0.34 -18.59
CA ARG A 86 18.69 -0.54 -19.15
C ARG A 86 17.62 0.06 -18.25
N ILE A 87 17.71 -0.21 -16.95
CA ILE A 87 16.73 0.28 -16.00
C ILE A 87 16.74 1.80 -15.96
N ARG A 88 17.93 2.40 -15.87
CA ARG A 88 18.00 3.85 -15.74
C ARG A 88 17.56 4.54 -17.02
N LYS A 89 17.78 3.93 -18.18
CA LYS A 89 17.26 4.49 -19.42
C LYS A 89 15.73 4.44 -19.44
N ALA A 90 15.16 3.29 -19.06
CA ALA A 90 13.70 3.19 -19.01
C ALA A 90 13.11 4.16 -18.00
N ILE A 91 13.84 4.45 -16.91
CA ILE A 91 13.35 5.39 -15.92
C ILE A 91 13.42 6.81 -16.45
N GLU A 92 14.54 7.18 -17.09
CA GLU A 92 14.66 8.50 -17.69
C GLU A 92 13.61 8.74 -18.76
N GLN A 93 13.20 7.68 -19.46
CA GLN A 93 12.12 7.81 -20.43
C GLN A 93 10.75 7.48 -19.85
N GLY A 94 10.69 7.00 -18.61
CA GLY A 94 9.41 6.69 -17.99
C GLY A 94 8.68 5.52 -18.61
N ASN A 95 9.40 4.45 -18.94
CA ASN A 95 8.82 3.28 -19.57
C ASN A 95 8.57 2.18 -18.53
N ASP A 96 7.59 1.33 -18.82
CA ASP A 96 7.26 0.20 -17.97
C ASP A 96 8.05 -1.02 -18.44
N MET A 97 8.90 -1.55 -17.55
CA MET A 97 9.88 -2.56 -17.94
C MET A 97 9.92 -3.66 -16.89
N SER A 98 10.81 -4.63 -17.12
CA SER A 98 11.06 -5.70 -16.16
C SER A 98 12.45 -6.27 -16.43
N VAL A 99 13.19 -6.54 -15.36
CA VAL A 99 14.58 -6.96 -15.47
C VAL A 99 14.87 -8.02 -14.41
N CYS A 100 15.62 -9.05 -14.79
CA CYS A 100 16.14 -10.04 -13.87
C CYS A 100 17.62 -9.75 -13.63
N LEU A 101 17.99 -9.59 -12.36
CA LEU A 101 19.39 -9.32 -12.01
C LEU A 101 19.65 -9.84 -10.61
N LEU A 102 20.94 -9.90 -10.26
CA LEU A 102 21.34 -10.39 -8.95
C LEU A 102 21.29 -9.25 -7.94
N ASN A 103 20.55 -9.46 -6.85
CA ASN A 103 20.43 -8.48 -5.78
C ASN A 103 20.99 -9.08 -4.48
N TYR A 104 21.27 -8.18 -3.53
CA TYR A 104 21.87 -8.54 -2.26
C TYR A 104 20.95 -8.13 -1.12
N ARG A 105 20.89 -8.97 -0.09
CA ARG A 105 20.13 -8.65 1.12
C ARG A 105 21.00 -7.78 2.03
N VAL A 106 20.53 -7.58 3.27
CA VAL A 106 21.31 -6.78 4.21
C VAL A 106 22.46 -7.59 4.80
N ASP A 107 22.24 -8.89 5.03
CA ASP A 107 23.27 -9.75 5.58
C ASP A 107 24.35 -10.09 4.57
N GLY A 108 24.21 -9.68 3.31
CA GLY A 108 25.19 -9.97 2.28
C GLY A 108 24.81 -11.09 1.35
N THR A 109 23.80 -11.88 1.68
CA THR A 109 23.39 -12.98 0.83
C THR A 109 22.80 -12.48 -0.48
N THR A 110 22.82 -13.34 -1.50
CA THR A 110 22.43 -12.99 -2.84
C THR A 110 21.14 -13.70 -3.23
N PHE A 111 20.44 -13.12 -4.20
CA PHE A 111 19.23 -13.74 -4.74
C PHE A 111 18.92 -13.14 -6.10
N TRP A 112 18.35 -13.97 -6.98
CA TRP A 112 17.96 -13.52 -8.31
C TRP A 112 16.60 -12.83 -8.23
N ASN A 113 16.59 -11.53 -8.50
CA ASN A 113 15.37 -10.72 -8.46
C ASN A 113 14.94 -10.43 -9.89
N GLN A 114 13.79 -10.96 -10.28
CA GLN A 114 13.11 -10.59 -11.52
C GLN A 114 12.02 -9.61 -11.13
N PHE A 115 12.26 -8.32 -11.35
CA PHE A 115 11.38 -7.28 -10.85
C PHE A 115 10.85 -6.42 -11.98
N PHE A 116 9.63 -5.91 -11.77
CA PHE A 116 8.93 -5.08 -12.74
C PHE A 116 8.94 -3.63 -12.28
N ILE A 117 8.71 -2.72 -13.22
CA ILE A 117 8.68 -1.28 -12.97
C ILE A 117 7.57 -0.68 -13.82
N ALA A 118 6.61 -0.03 -13.18
CA ALA A 118 5.51 0.64 -13.87
C ALA A 118 5.61 2.15 -13.65
N ALA A 119 5.29 2.91 -14.69
CA ALA A 119 5.35 4.37 -14.66
C ALA A 119 3.92 4.90 -14.58
N LEU A 120 3.42 5.05 -13.36
CA LEU A 120 2.08 5.62 -13.17
C LEU A 120 2.08 7.09 -13.58
N ARG A 121 1.17 7.44 -14.47
CA ARG A 121 1.04 8.80 -14.96
C ARG A 121 -0.36 9.32 -14.66
N ASP A 122 -0.47 10.63 -14.49
CA ASP A 122 -1.73 11.27 -14.13
C ASP A 122 -2.56 11.53 -15.38
N ALA A 123 -3.60 12.35 -15.25
CA ALA A 123 -4.43 12.71 -16.38
C ALA A 123 -3.72 13.65 -17.35
N GLY A 124 -2.57 14.20 -16.98
CA GLY A 124 -1.78 15.04 -17.85
C GLY A 124 -0.62 14.37 -18.53
N GLY A 125 -0.39 13.08 -18.25
CA GLY A 125 0.70 12.34 -18.87
C GLY A 125 2.02 12.42 -18.14
N ASN A 126 2.07 13.07 -16.98
CA ASN A 126 3.30 13.20 -16.22
C ASN A 126 3.45 12.04 -15.23
N VAL A 127 4.67 11.55 -15.09
CA VAL A 127 4.94 10.43 -14.18
C VAL A 127 4.79 10.93 -12.75
N THR A 128 3.80 10.42 -12.03
CA THR A 128 3.56 10.80 -10.64
C THR A 128 4.37 9.95 -9.68
N ASN A 129 4.28 8.63 -9.80
CA ASN A 129 5.04 7.72 -8.95
C ASN A 129 5.48 6.52 -9.77
N PHE A 130 6.54 5.86 -9.30
CA PHE A 130 6.99 4.60 -9.87
C PHE A 130 6.61 3.46 -8.93
N VAL A 131 6.13 2.36 -9.50
CA VAL A 131 5.76 1.17 -8.73
C VAL A 131 6.68 0.04 -9.14
N GLY A 132 7.08 -0.78 -8.15
CA GLY A 132 7.97 -1.89 -8.41
C GLY A 132 7.54 -3.16 -7.71
N VAL A 133 7.48 -4.26 -8.46
CA VAL A 133 7.14 -5.58 -7.93
C VAL A 133 8.35 -6.47 -8.12
N GLN A 134 8.85 -7.05 -7.03
CA GLN A 134 10.01 -7.93 -7.07
C GLN A 134 9.57 -9.39 -6.91
N CYS A 135 10.20 -10.27 -7.68
CA CYS A 135 9.90 -11.69 -7.66
C CYS A 135 11.21 -12.46 -7.54
N LYS A 136 11.33 -13.29 -6.51
CA LYS A 136 12.50 -14.14 -6.35
C LYS A 136 12.37 -15.38 -7.23
N VAL A 137 13.28 -15.52 -8.19
CA VAL A 137 13.23 -16.61 -9.16
C VAL A 137 14.41 -17.53 -8.92
N SER A 138 14.24 -18.80 -9.32
CA SER A 138 15.27 -19.80 -9.13
C SER A 138 16.41 -19.59 -10.12
N ASP A 139 17.44 -20.43 -10.01
CA ASP A 139 18.63 -20.28 -10.85
C ASP A 139 18.37 -20.73 -12.29
N GLN A 140 17.41 -21.62 -12.51
CA GLN A 140 17.08 -22.01 -13.89
C GLN A 140 16.44 -20.85 -14.64
N TYR A 141 15.44 -20.21 -14.03
CA TYR A 141 14.82 -19.04 -14.64
C TYR A 141 15.83 -17.93 -14.83
N ALA A 142 16.68 -17.69 -13.82
CA ALA A 142 17.73 -16.69 -13.96
C ALA A 142 18.64 -17.02 -15.13
N ALA A 143 19.02 -18.30 -15.28
CA ALA A 143 19.89 -18.69 -16.37
C ALA A 143 19.24 -18.39 -17.73
N THR A 144 17.99 -18.80 -17.91
CA THR A 144 17.33 -18.60 -19.20
C THR A 144 17.14 -17.12 -19.51
N VAL A 145 16.68 -16.35 -18.53
CA VAL A 145 16.39 -14.95 -18.77
C VAL A 145 17.67 -14.15 -18.98
N THR A 146 18.73 -14.49 -18.23
CA THR A 146 20.02 -13.84 -18.45
C THR A 146 20.60 -14.21 -19.80
N LYS A 147 20.38 -15.45 -20.24
CA LYS A 147 20.79 -15.84 -21.58
C LYS A 147 20.11 -14.97 -22.63
N GLN A 148 18.80 -14.77 -22.50
CA GLN A 148 18.09 -13.92 -23.45
C GLN A 148 18.60 -12.49 -23.39
N GLN A 149 18.76 -11.95 -22.18
CA GLN A 149 19.15 -10.54 -22.03
C GLN A 149 20.56 -10.29 -22.53
N GLU A 150 21.47 -11.26 -22.38
CA GLU A 150 22.81 -11.13 -22.95
C GLU A 150 22.80 -11.36 -24.46
N GLU A 151 21.91 -12.21 -24.95
CA GLU A 151 21.70 -12.35 -26.39
C GLU A 151 21.17 -11.06 -27.00
N GLU A 152 20.55 -10.20 -26.18
CA GLU A 152 20.13 -8.86 -26.62
C GLU A 152 21.36 -7.95 -26.67
N GLU A 153 22.19 -8.17 -27.69
CA GLU A 153 23.40 -7.37 -27.92
C GLU A 153 23.15 -6.46 -29.12
N GLU A 154 22.86 -5.18 -28.84
CA GLU A 154 22.58 -4.18 -29.87
C GLU A 154 21.50 -4.64 -30.84
N SER B 19 7.54 6.50 -21.89
CA SER B 19 6.37 7.04 -22.57
C SER B 19 5.61 5.95 -23.29
N HIS B 20 6.20 4.77 -23.36
CA HIS B 20 5.59 3.62 -24.04
C HIS B 20 5.68 2.42 -23.11
N MET B 21 5.54 1.22 -23.68
CA MET B 21 5.64 -0.03 -22.94
C MET B 21 6.84 -0.81 -23.48
N ASP B 22 7.88 -0.91 -22.67
CA ASP B 22 9.00 -1.78 -23.00
C ASP B 22 8.53 -3.23 -23.06
N PHE B 23 8.90 -3.94 -24.12
CA PHE B 23 8.40 -5.29 -24.33
C PHE B 23 8.83 -6.25 -23.23
N SER B 24 9.89 -5.91 -22.49
CA SER B 24 10.29 -6.73 -21.35
C SER B 24 9.15 -6.91 -20.36
N PHE B 25 8.38 -5.85 -20.14
CA PHE B 25 7.20 -5.92 -19.29
C PHE B 25 6.24 -7.01 -19.77
N ILE B 26 5.84 -6.94 -21.04
CA ILE B 26 4.87 -7.89 -21.57
C ILE B 26 5.42 -9.31 -21.55
N LYS B 27 6.72 -9.47 -21.85
CA LYS B 27 7.30 -10.81 -21.87
C LYS B 27 7.32 -11.42 -20.48
N ALA B 28 7.91 -10.70 -19.51
CA ALA B 28 8.00 -11.24 -18.16
C ALA B 28 6.64 -11.32 -17.46
N LEU B 29 5.62 -10.65 -17.99
CA LEU B 29 4.29 -10.77 -17.40
C LEU B 29 3.71 -12.15 -17.64
N GLN B 30 3.64 -12.58 -18.91
CA GLN B 30 3.07 -13.87 -19.24
C GLN B 30 3.80 -15.02 -18.57
N THR B 31 5.02 -14.79 -18.09
CA THR B 31 5.86 -15.86 -17.58
C THR B 31 5.93 -15.88 -16.05
N ALA B 32 5.91 -14.72 -15.41
CA ALA B 32 6.09 -14.61 -13.97
C ALA B 32 5.19 -15.58 -13.21
N GLN B 33 5.79 -16.31 -12.26
CA GLN B 33 5.07 -17.33 -11.49
C GLN B 33 4.08 -16.73 -10.49
N GLN B 34 3.99 -15.41 -10.40
CA GLN B 34 3.00 -14.73 -9.58
C GLN B 34 1.73 -14.52 -10.40
N ASN B 35 0.78 -13.77 -9.85
CA ASN B 35 -0.54 -13.59 -10.45
C ASN B 35 -0.64 -12.18 -10.99
N PHE B 36 -0.34 -12.01 -12.28
CA PHE B 36 -0.53 -10.74 -12.98
C PHE B 36 -1.51 -10.92 -14.12
N VAL B 37 -2.19 -9.82 -14.46
CA VAL B 37 -3.05 -9.74 -15.64
C VAL B 37 -2.95 -8.35 -16.22
N MET B 38 -3.18 -8.24 -17.52
CA MET B 38 -3.31 -6.96 -18.19
C MET B 38 -4.56 -6.99 -19.07
N THR B 39 -5.32 -5.90 -19.02
CA THR B 39 -6.57 -5.79 -19.76
C THR B 39 -6.54 -4.54 -20.63
N ASP B 40 -7.25 -4.63 -21.76
CA ASP B 40 -7.24 -3.57 -22.77
C ASP B 40 -8.56 -2.80 -22.74
N PRO B 41 -8.57 -1.56 -22.25
CA PRO B 41 -9.82 -0.78 -22.26
C PRO B 41 -10.28 -0.38 -23.66
N SER B 42 -9.40 -0.43 -24.66
CA SER B 42 -9.80 -0.06 -26.01
C SER B 42 -10.83 -1.04 -26.57
N LEU B 43 -10.68 -2.32 -26.24
CA LEU B 43 -11.64 -3.32 -26.67
C LEU B 43 -12.87 -3.31 -25.78
N PRO B 44 -14.03 -3.74 -26.29
CA PRO B 44 -15.24 -3.77 -25.46
C PRO B 44 -15.07 -4.71 -24.27
N ASP B 45 -15.70 -4.32 -23.16
CA ASP B 45 -15.74 -5.05 -21.89
C ASP B 45 -14.38 -5.10 -21.19
N ASN B 46 -13.35 -4.45 -21.73
CA ASN B 46 -12.02 -4.39 -21.12
C ASN B 46 -11.49 -5.79 -20.85
N PRO B 47 -11.17 -6.56 -21.89
CA PRO B 47 -10.80 -7.97 -21.70
C PRO B 47 -9.31 -8.15 -21.44
N ILE B 48 -8.99 -9.35 -20.94
CA ILE B 48 -7.61 -9.71 -20.63
C ILE B 48 -6.86 -10.01 -21.92
N VAL B 49 -5.73 -9.34 -22.11
CA VAL B 49 -4.86 -9.59 -23.25
C VAL B 49 -3.61 -10.37 -22.86
N TYR B 50 -3.15 -10.27 -21.62
CA TYR B 50 -2.00 -11.03 -21.14
C TYR B 50 -2.28 -11.49 -19.71
N ALA B 51 -1.92 -12.75 -19.44
CA ALA B 51 -2.09 -13.32 -18.11
C ALA B 51 -0.84 -14.11 -17.75
N SER B 52 -0.51 -14.10 -16.46
CA SER B 52 0.70 -14.77 -15.97
C SER B 52 0.45 -16.27 -15.82
N GLN B 53 1.56 -17.01 -15.67
CA GLN B 53 1.46 -18.44 -15.43
C GLN B 53 0.95 -18.71 -14.02
N GLY B 54 1.44 -17.97 -13.03
CA GLY B 54 0.93 -18.10 -11.68
C GLY B 54 -0.53 -17.74 -11.58
N PHE B 55 -1.02 -16.86 -12.45
CA PHE B 55 -2.45 -16.58 -12.49
C PHE B 55 -3.24 -17.81 -12.89
N LEU B 56 -2.76 -18.54 -13.91
CA LEU B 56 -3.42 -19.77 -14.32
C LEU B 56 -3.29 -20.85 -13.26
N ASN B 57 -2.20 -20.84 -12.49
CA ASN B 57 -2.05 -21.78 -11.40
C ASN B 57 -3.05 -21.49 -10.28
N LEU B 58 -3.21 -20.21 -9.93
CA LEU B 58 -4.11 -19.83 -8.85
C LEU B 58 -5.57 -20.06 -9.25
N THR B 59 -5.97 -19.54 -10.40
CA THR B 59 -7.36 -19.66 -10.80
C THR B 59 -7.70 -21.06 -11.30
N GLY B 60 -6.73 -21.77 -11.84
CA GLY B 60 -6.95 -23.10 -12.37
C GLY B 60 -7.48 -23.16 -13.79
N TYR B 61 -7.68 -22.02 -14.43
CA TYR B 61 -8.20 -21.98 -15.79
C TYR B 61 -7.08 -22.22 -16.80
N SER B 62 -7.47 -22.70 -17.98
CA SER B 62 -6.58 -22.75 -19.11
C SER B 62 -6.50 -21.37 -19.77
N LEU B 63 -5.50 -21.21 -20.64
CA LEU B 63 -5.27 -19.89 -21.23
C LEU B 63 -6.44 -19.48 -22.13
N ASP B 64 -7.02 -20.42 -22.87
CA ASP B 64 -8.11 -20.09 -23.78
C ASP B 64 -9.37 -19.63 -23.06
N GLN B 65 -9.50 -19.95 -21.77
CA GLN B 65 -10.65 -19.51 -20.98
C GLN B 65 -10.44 -18.15 -20.34
N ILE B 66 -9.32 -17.48 -20.62
CA ILE B 66 -8.95 -16.23 -19.96
C ILE B 66 -9.05 -15.05 -20.91
N LEU B 67 -8.31 -15.09 -22.03
CA LEU B 67 -8.28 -13.96 -22.94
C LEU B 67 -9.66 -13.69 -23.53
N GLY B 68 -9.87 -12.44 -23.93
CA GLY B 68 -11.15 -12.02 -24.48
C GLY B 68 -12.28 -11.90 -23.47
N ARG B 69 -12.02 -12.12 -22.19
CA ARG B 69 -13.04 -12.08 -21.15
C ARG B 69 -12.63 -11.10 -20.06
N ASN B 70 -13.62 -10.55 -19.37
CA ASN B 70 -13.39 -9.71 -18.20
C ASN B 70 -13.37 -10.59 -16.96
N CYS B 71 -12.67 -10.13 -15.92
CA CYS B 71 -12.33 -10.97 -14.79
C CYS B 71 -13.53 -11.28 -13.89
N ARG B 72 -14.74 -10.90 -14.31
CA ARG B 72 -15.93 -11.19 -13.53
C ARG B 72 -16.06 -12.67 -13.23
N PHE B 73 -15.54 -13.53 -14.11
CA PHE B 73 -15.62 -14.98 -13.90
C PHE B 73 -14.90 -15.44 -12.64
N LEU B 74 -14.13 -14.56 -11.98
CA LEU B 74 -13.56 -14.91 -10.69
C LEU B 74 -14.54 -14.70 -9.54
N GLN B 75 -15.53 -13.83 -9.72
CA GLN B 75 -16.53 -13.57 -8.70
C GLN B 75 -17.57 -14.68 -8.69
N GLY B 76 -18.54 -14.57 -7.77
CA GLY B 76 -19.58 -15.56 -7.64
C GLY B 76 -20.69 -15.15 -6.69
N PRO B 77 -21.32 -16.13 -6.05
CA PRO B 77 -22.45 -15.84 -5.17
C PRO B 77 -22.08 -15.04 -3.94
N GLU B 78 -21.27 -15.59 -3.05
CA GLU B 78 -20.95 -14.86 -1.82
C GLU B 78 -19.75 -13.94 -1.99
N THR B 79 -19.78 -13.15 -3.06
CA THR B 79 -18.83 -12.08 -3.30
C THR B 79 -19.48 -10.75 -2.93
N ASP B 80 -18.76 -9.91 -2.20
CA ASP B 80 -19.28 -8.64 -1.73
C ASP B 80 -19.55 -7.71 -2.90
N PRO B 81 -20.81 -7.38 -3.21
CA PRO B 81 -21.09 -6.49 -4.35
C PRO B 81 -20.68 -5.05 -4.12
N LYS B 82 -20.57 -4.61 -2.86
CA LYS B 82 -20.08 -3.26 -2.60
C LYS B 82 -18.65 -3.10 -3.09
N ALA B 83 -17.82 -4.12 -2.88
CA ALA B 83 -16.45 -4.08 -3.40
C ALA B 83 -16.45 -4.05 -4.91
N VAL B 84 -17.38 -4.77 -5.55
CA VAL B 84 -17.44 -4.78 -7.01
C VAL B 84 -17.85 -3.41 -7.53
N GLU B 85 -18.79 -2.74 -6.86
CA GLU B 85 -19.17 -1.38 -7.25
C GLU B 85 -18.00 -0.42 -7.05
N ARG B 86 -17.28 -0.57 -5.94
CA ARG B 86 -16.06 0.21 -5.72
C ARG B 86 -15.08 0.04 -6.88
N ILE B 87 -14.87 -1.21 -7.30
CA ILE B 87 -13.92 -1.50 -8.38
C ILE B 87 -14.39 -0.86 -9.68
N ARG B 88 -15.68 -1.02 -10.01
CA ARG B 88 -16.16 -0.49 -11.28
C ARG B 88 -16.17 1.03 -11.30
N LYS B 89 -16.40 1.67 -10.14
CA LYS B 89 -16.30 3.11 -10.07
C LYS B 89 -14.85 3.57 -10.29
N ALA B 90 -13.90 2.90 -9.62
CA ALA B 90 -12.50 3.25 -9.83
C ALA B 90 -12.06 3.01 -11.27
N ILE B 91 -12.65 2.01 -11.93
CA ILE B 91 -12.31 1.74 -13.33
C ILE B 91 -12.90 2.81 -14.23
N GLU B 92 -14.17 3.17 -14.01
CA GLU B 92 -14.79 4.23 -14.80
C GLU B 92 -14.04 5.55 -14.64
N GLN B 93 -13.46 5.80 -13.46
CA GLN B 93 -12.65 6.99 -13.26
C GLN B 93 -11.17 6.76 -13.54
N GLY B 94 -10.76 5.52 -13.78
CA GLY B 94 -9.36 5.24 -14.06
C GLY B 94 -8.42 5.46 -12.89
N ASN B 95 -8.83 5.03 -11.70
CA ASN B 95 -8.03 5.21 -10.49
C ASN B 95 -7.29 3.92 -10.14
N ASP B 96 -6.17 4.08 -9.47
CA ASP B 96 -5.36 2.95 -9.01
C ASP B 96 -5.81 2.57 -7.61
N MET B 97 -6.30 1.33 -7.46
CA MET B 97 -6.97 0.91 -6.23
C MET B 97 -6.50 -0.48 -5.83
N SER B 98 -7.08 -0.99 -4.75
CA SER B 98 -6.83 -2.35 -4.30
C SER B 98 -8.00 -2.79 -3.43
N VAL B 99 -8.43 -4.04 -3.61
CA VAL B 99 -9.63 -4.55 -2.95
C VAL B 99 -9.39 -6.00 -2.55
N CYS B 100 -9.85 -6.36 -1.35
CA CYS B 100 -9.88 -7.75 -0.91
C CYS B 100 -11.31 -8.25 -1.00
N LEU B 101 -11.50 -9.36 -1.73
CA LEU B 101 -12.82 -9.96 -1.87
C LEU B 101 -12.68 -11.46 -2.10
N LEU B 102 -13.81 -12.15 -2.00
CA LEU B 102 -13.82 -13.60 -2.20
C LEU B 102 -13.94 -13.93 -3.67
N ASN B 103 -13.00 -14.71 -4.19
CA ASN B 103 -13.00 -15.15 -5.58
C ASN B 103 -13.11 -16.66 -5.65
N TYR B 104 -13.50 -17.15 -6.83
CA TYR B 104 -13.74 -18.56 -7.07
C TYR B 104 -12.81 -19.06 -8.16
N ARG B 105 -12.32 -20.28 -7.99
CA ARG B 105 -11.50 -20.93 -9.01
C ARG B 105 -12.41 -21.57 -10.05
N VAL B 106 -11.83 -22.39 -10.94
CA VAL B 106 -12.64 -23.05 -11.96
C VAL B 106 -13.36 -24.25 -11.37
N ASP B 107 -12.74 -24.96 -10.44
CA ASP B 107 -13.35 -26.12 -9.81
C ASP B 107 -14.43 -25.76 -8.80
N GLY B 108 -14.63 -24.46 -8.54
CA GLY B 108 -15.63 -24.02 -7.59
C GLY B 108 -15.10 -23.61 -6.24
N THR B 109 -13.85 -23.96 -5.93
CA THR B 109 -13.29 -23.61 -4.63
C THR B 109 -13.11 -22.10 -4.50
N THR B 110 -13.03 -21.65 -3.26
CA THR B 110 -13.00 -20.24 -2.93
C THR B 110 -11.64 -19.84 -2.36
N PHE B 111 -11.33 -18.55 -2.48
CA PHE B 111 -10.11 -18.02 -1.90
C PHE B 111 -10.23 -16.51 -1.76
N TRP B 112 -9.59 -15.98 -0.73
CA TRP B 112 -9.58 -14.53 -0.48
C TRP B 112 -8.50 -13.89 -1.36
N ASN B 113 -8.93 -13.07 -2.31
CA ASN B 113 -8.03 -12.38 -3.23
C ASN B 113 -7.96 -10.92 -2.83
N GLN B 114 -6.78 -10.48 -2.38
CA GLN B 114 -6.47 -9.07 -2.19
C GLN B 114 -5.68 -8.63 -3.41
N PHE B 115 -6.34 -7.93 -4.33
CA PHE B 115 -5.75 -7.63 -5.63
C PHE B 115 -5.70 -6.13 -5.87
N PHE B 116 -4.68 -5.71 -6.61
CA PHE B 116 -4.43 -4.32 -6.94
C PHE B 116 -4.81 -4.06 -8.40
N ILE B 117 -5.03 -2.79 -8.72
CA ILE B 117 -5.39 -2.35 -10.06
C ILE B 117 -4.69 -1.03 -10.33
N ALA B 118 -3.87 -0.99 -11.39
CA ALA B 118 -3.17 0.22 -11.79
C ALA B 118 -3.68 0.68 -13.15
N ALA B 119 -3.79 2.00 -13.32
CA ALA B 119 -4.29 2.60 -14.55
C ALA B 119 -3.09 3.21 -15.28
N LEU B 120 -2.45 2.39 -16.13
CA LEU B 120 -1.35 2.89 -16.94
C LEU B 120 -1.87 3.88 -17.97
N ARG B 121 -1.26 5.07 -17.98
CA ARG B 121 -1.64 6.14 -18.89
C ARG B 121 -0.43 6.52 -19.73
N ASP B 122 -0.70 7.00 -20.94
CA ASP B 122 0.35 7.36 -21.88
C ASP B 122 0.84 8.78 -21.61
N ALA B 123 1.58 9.35 -22.56
CA ALA B 123 2.06 10.72 -22.43
C ALA B 123 0.95 11.75 -22.60
N GLY B 124 -0.24 11.33 -23.04
CA GLY B 124 -1.39 12.21 -23.17
C GLY B 124 -2.38 12.13 -22.04
N GLY B 125 -2.16 11.25 -21.06
CA GLY B 125 -3.06 11.11 -19.93
C GLY B 125 -4.20 10.14 -20.13
N ASN B 126 -4.25 9.44 -21.26
CA ASN B 126 -5.31 8.49 -21.54
C ASN B 126 -4.93 7.10 -21.05
N VAL B 127 -5.90 6.40 -20.48
CA VAL B 127 -5.66 5.04 -19.96
C VAL B 127 -5.43 4.10 -21.14
N THR B 128 -4.22 3.56 -21.25
CA THR B 128 -3.88 2.64 -22.33
C THR B 128 -4.22 1.20 -21.97
N ASN B 129 -3.76 0.74 -20.81
CA ASN B 129 -4.04 -0.61 -20.34
C ASN B 129 -4.23 -0.58 -18.83
N PHE B 130 -4.94 -1.59 -18.33
CA PHE B 130 -5.07 -1.82 -16.90
C PHE B 130 -4.21 -3.01 -16.48
N VAL B 131 -3.52 -2.88 -15.36
CA VAL B 131 -2.69 -3.94 -14.82
C VAL B 131 -3.28 -4.39 -13.49
N GLY B 132 -3.23 -5.69 -13.24
CA GLY B 132 -3.77 -6.25 -12.01
C GLY B 132 -2.87 -7.28 -11.37
N VAL B 133 -2.60 -7.13 -10.09
CA VAL B 133 -1.80 -8.06 -9.31
C VAL B 133 -2.68 -8.66 -8.24
N GLN B 134 -2.79 -9.99 -8.22
CA GLN B 134 -3.62 -10.69 -7.25
C GLN B 134 -2.74 -11.35 -6.19
N CYS B 135 -3.19 -11.29 -4.94
CA CYS B 135 -2.48 -11.86 -3.81
C CYS B 135 -3.45 -12.69 -2.98
N LYS B 136 -3.13 -13.97 -2.80
CA LYS B 136 -3.94 -14.84 -1.96
C LYS B 136 -3.59 -14.60 -0.50
N VAL B 137 -4.57 -14.13 0.28
CA VAL B 137 -4.35 -13.80 1.69
C VAL B 137 -5.14 -14.76 2.56
N SER B 138 -4.66 -14.93 3.79
CA SER B 138 -5.29 -15.86 4.73
C SER B 138 -6.60 -15.26 5.25
N ASP B 139 -7.29 -16.05 6.09
CA ASP B 139 -8.58 -15.62 6.62
C ASP B 139 -8.45 -14.54 7.67
N GLN B 140 -7.32 -14.46 8.37
CA GLN B 140 -7.13 -13.39 9.33
C GLN B 140 -7.01 -12.03 8.63
N TYR B 141 -6.16 -11.97 7.60
CA TYR B 141 -6.03 -10.75 6.82
C TYR B 141 -7.35 -10.38 6.16
N ALA B 142 -8.05 -11.37 5.61
CA ALA B 142 -9.36 -11.12 5.02
C ALA B 142 -10.32 -10.56 6.06
N ALA B 143 -10.31 -11.12 7.27
CA ALA B 143 -11.18 -10.64 8.33
C ALA B 143 -10.90 -9.18 8.65
N THR B 144 -9.62 -8.83 8.86
CA THR B 144 -9.29 -7.45 9.24
C THR B 144 -9.62 -6.47 8.11
N VAL B 145 -9.25 -6.81 6.87
CA VAL B 145 -9.46 -5.89 5.77
C VAL B 145 -10.94 -5.74 5.44
N THR B 146 -11.71 -6.84 5.54
CA THR B 146 -13.14 -6.76 5.33
C THR B 146 -13.80 -5.96 6.44
N LYS B 147 -13.29 -6.07 7.67
CA LYS B 147 -13.79 -5.24 8.76
C LYS B 147 -13.60 -3.77 8.45
N GLN B 148 -12.40 -3.40 7.96
CA GLN B 148 -12.16 -2.00 7.61
C GLN B 148 -13.07 -1.55 6.46
N GLN B 149 -13.16 -2.38 5.42
CA GLN B 149 -13.93 -1.99 4.24
C GLN B 149 -15.42 -1.88 4.54
N GLU B 150 -15.94 -2.71 5.44
CA GLU B 150 -17.33 -2.57 5.86
C GLU B 150 -17.51 -1.40 6.81
N GLU B 151 -16.51 -1.10 7.63
CA GLU B 151 -16.50 0.11 8.44
C GLU B 151 -16.51 1.36 7.57
N GLU B 152 -16.06 1.25 6.32
CA GLU B 152 -16.15 2.33 5.35
C GLU B 152 -17.59 2.42 4.82
N GLU B 153 -18.48 2.93 5.68
CA GLU B 153 -19.89 3.12 5.34
C GLU B 153 -20.14 4.62 5.14
N GLU B 154 -20.20 5.04 3.88
CA GLU B 154 -20.42 6.44 3.51
C GLU B 154 -19.42 7.38 4.20
N SER C 19 5.23 25.79 4.33
CA SER C 19 3.91 25.89 3.71
C SER C 19 3.42 24.52 3.27
N HIS C 20 4.31 23.53 3.32
CA HIS C 20 3.98 22.17 2.93
C HIS C 20 4.46 21.22 4.03
N MET C 21 4.59 19.94 3.68
CA MET C 21 5.09 18.91 4.60
C MET C 21 6.42 18.38 4.07
N ASP C 22 7.50 18.69 4.76
CA ASP C 22 8.78 18.09 4.44
C ASP C 22 8.72 16.59 4.68
N PHE C 23 9.20 15.81 3.71
CA PHE C 23 9.06 14.37 3.80
C PHE C 23 9.81 13.77 4.98
N SER C 24 10.79 14.50 5.54
CA SER C 24 11.48 14.03 6.73
C SER C 24 10.49 13.77 7.86
N PHE C 25 9.48 14.63 7.99
CA PHE C 25 8.42 14.41 8.97
C PHE C 25 7.76 13.06 8.79
N ILE C 26 7.28 12.77 7.58
CA ILE C 26 6.56 11.53 7.32
C ILE C 26 7.48 10.33 7.52
N LYS C 27 8.74 10.44 7.11
CA LYS C 27 9.66 9.32 7.25
C LYS C 27 9.94 9.01 8.71
N ALA C 28 10.38 10.02 9.47
CA ALA C 28 10.70 9.79 10.87
C ALA C 28 9.48 9.50 11.72
N LEU C 29 8.27 9.79 11.22
CA LEU C 29 7.07 9.45 11.96
C LEU C 29 6.86 7.94 12.03
N GLN C 30 6.82 7.29 10.86
CA GLN C 30 6.60 5.83 10.83
C GLN C 30 7.66 5.06 11.58
N THR C 31 8.81 5.68 11.87
CA THR C 31 9.93 4.98 12.46
C THR C 31 10.12 5.26 13.94
N ALA C 32 9.83 6.49 14.38
CA ALA C 32 10.06 6.91 15.76
C ALA C 32 9.51 5.90 16.76
N GLN C 33 10.34 5.54 17.75
CA GLN C 33 9.99 4.55 18.75
C GLN C 33 8.95 5.06 19.74
N GLN C 34 8.51 6.30 19.62
CA GLN C 34 7.43 6.84 20.44
C GLN C 34 6.10 6.57 19.74
N ASN C 35 5.02 7.15 20.26
CA ASN C 35 3.67 6.87 19.80
C ASN C 35 3.14 8.09 19.04
N PHE C 36 3.30 8.07 17.73
CA PHE C 36 2.74 9.09 16.85
C PHE C 36 1.75 8.46 15.87
N VAL C 37 0.79 9.27 15.44
CA VAL C 37 -0.14 8.91 14.38
C VAL C 37 -0.45 10.14 13.56
N MET C 38 -0.80 9.93 12.30
CA MET C 38 -1.31 10.99 11.45
C MET C 38 -2.56 10.48 10.73
N THR C 39 -3.59 11.33 10.69
CA THR C 39 -4.86 10.98 10.09
C THR C 39 -5.23 12.00 9.02
N ASP C 40 -5.97 11.53 8.02
CA ASP C 40 -6.32 12.34 6.85
C ASP C 40 -7.79 12.74 6.92
N PRO C 41 -8.10 14.02 7.18
CA PRO C 41 -9.51 14.43 7.20
C PRO C 41 -10.16 14.43 5.82
N SER C 42 -9.37 14.42 4.73
CA SER C 42 -9.94 14.40 3.39
C SER C 42 -10.70 13.10 3.13
N LEU C 43 -10.20 11.99 3.65
CA LEU C 43 -10.88 10.71 3.49
C LEU C 43 -12.00 10.59 4.52
N PRO C 44 -13.03 9.80 4.22
CA PRO C 44 -14.13 9.62 5.19
C PRO C 44 -13.63 9.01 6.48
N ASP C 45 -14.27 9.41 7.58
CA ASP C 45 -14.02 8.96 8.95
C ASP C 45 -12.66 9.38 9.49
N ASN C 46 -11.87 10.16 8.73
CA ASN C 46 -10.58 10.67 9.16
C ASN C 46 -9.67 9.52 9.59
N PRO C 47 -9.23 8.67 8.67
CA PRO C 47 -8.48 7.48 9.04
C PRO C 47 -6.98 7.73 9.15
N ILE C 48 -6.32 6.77 9.80
CA ILE C 48 -4.87 6.83 10.02
C ILE C 48 -4.16 6.49 8.72
N VAL C 49 -3.27 7.37 8.29
CA VAL C 49 -2.45 7.13 7.11
C VAL C 49 -1.00 6.79 7.46
N TYR C 50 -0.51 7.24 8.62
CA TYR C 50 0.83 6.90 9.08
C TYR C 50 0.79 6.66 10.58
N ALA C 51 1.49 5.61 11.03
CA ALA C 51 1.58 5.28 12.44
C ALA C 51 3.02 4.92 12.77
N SER C 52 3.42 5.25 14.00
CA SER C 52 4.78 5.02 14.44
C SER C 52 4.97 3.56 14.87
N GLN C 53 6.24 3.16 15.00
CA GLN C 53 6.54 1.83 15.50
C GLN C 53 6.23 1.71 16.98
N GLY C 54 6.57 2.74 17.76
CA GLY C 54 6.21 2.73 19.17
C GLY C 54 4.71 2.72 19.39
N PHE C 55 3.95 3.27 18.44
CA PHE C 55 2.49 3.18 18.52
C PHE C 55 2.04 1.73 18.41
N LEU C 56 2.62 0.96 17.49
CA LEU C 56 2.29 -0.45 17.37
C LEU C 56 2.79 -1.24 18.58
N ASN C 57 3.89 -0.80 19.19
CA ASN C 57 4.36 -1.46 20.41
C ASN C 57 3.39 -1.23 21.56
N LEU C 58 2.93 0.01 21.72
CA LEU C 58 2.02 0.35 22.82
C LEU C 58 0.67 -0.30 22.64
N THR C 59 0.06 -0.13 21.46
CA THR C 59 -1.28 -0.67 21.25
C THR C 59 -1.26 -2.18 21.04
N GLY C 60 -0.17 -2.72 20.51
CA GLY C 60 -0.06 -4.14 20.24
C GLY C 60 -0.65 -4.59 18.93
N TYR C 61 -1.20 -3.68 18.12
CA TYR C 61 -1.80 -4.04 16.85
C TYR C 61 -0.73 -4.18 15.77
N SER C 62 -1.06 -4.95 14.74
CA SER C 62 -0.26 -4.99 13.53
C SER C 62 -0.61 -3.79 12.66
N LEU C 63 0.25 -3.55 11.66
CA LEU C 63 0.07 -2.36 10.83
C LEU C 63 -1.21 -2.42 10.02
N ASP C 64 -1.57 -3.61 9.52
CA ASP C 64 -2.77 -3.75 8.70
C ASP C 64 -4.05 -3.50 9.48
N GLN C 65 -4.01 -3.57 10.81
CA GLN C 65 -5.17 -3.30 11.64
C GLN C 65 -5.30 -1.83 12.02
N ILE C 66 -4.41 -0.97 11.51
CA ILE C 66 -4.35 0.44 11.91
C ILE C 66 -4.84 1.35 10.79
N LEU C 67 -4.19 1.28 9.62
CA LEU C 67 -4.53 2.19 8.53
C LEU C 67 -5.97 1.98 8.06
N GLY C 68 -6.54 3.04 7.49
CA GLY C 68 -7.91 3.01 7.04
C GLY C 68 -8.96 3.02 8.14
N ARG C 69 -8.56 3.12 9.40
CA ARG C 69 -9.48 3.11 10.52
C ARG C 69 -9.28 4.36 11.39
N ASN C 70 -10.33 4.76 12.08
CA ASN C 70 -10.26 5.83 13.06
C ASN C 70 -9.91 5.24 14.42
N CYS C 71 -9.30 6.05 15.27
CA CYS C 71 -8.66 5.55 16.49
C CYS C 71 -9.67 5.13 17.56
N ARG C 72 -10.96 5.11 17.22
CA ARG C 72 -11.97 4.68 18.17
C ARG C 72 -11.67 3.30 18.73
N PHE C 73 -11.01 2.43 17.95
CA PHE C 73 -10.69 1.09 18.40
C PHE C 73 -9.77 1.08 19.63
N LEU C 74 -9.24 2.23 20.04
CA LEU C 74 -8.50 2.29 21.30
C LEU C 74 -9.42 2.46 22.49
N GLN C 75 -10.62 2.99 22.30
CA GLN C 75 -11.58 3.18 23.37
C GLN C 75 -12.29 1.87 23.69
N GLY C 76 -13.18 1.91 24.68
CA GLY C 76 -13.91 0.73 25.09
C GLY C 76 -15.02 1.03 26.07
N PRO C 77 -15.31 0.05 26.94
CA PRO C 77 -16.42 0.21 27.89
C PRO C 77 -16.19 1.31 28.92
N GLU C 78 -15.16 1.14 29.75
CA GLU C 78 -14.86 2.08 30.83
C GLU C 78 -14.10 3.30 30.37
N THR C 79 -14.43 3.84 29.20
CA THR C 79 -13.82 5.05 28.68
C THR C 79 -14.78 6.22 28.89
N ASP C 80 -14.26 7.33 29.38
CA ASP C 80 -15.07 8.50 29.70
C ASP C 80 -15.67 9.09 28.42
N PRO C 81 -16.99 9.03 28.22
CA PRO C 81 -17.57 9.57 26.99
C PRO C 81 -17.55 11.09 26.92
N LYS C 82 -17.48 11.77 28.07
CA LYS C 82 -17.35 13.23 28.05
C LYS C 82 -16.05 13.66 27.38
N ALA C 83 -14.96 12.94 27.65
CA ALA C 83 -13.70 13.21 26.98
C ALA C 83 -13.80 12.96 25.49
N VAL C 84 -14.56 11.93 25.10
CA VAL C 84 -14.71 11.62 23.67
C VAL C 84 -15.51 12.72 22.97
N GLU C 85 -16.55 13.24 23.64
CA GLU C 85 -17.29 14.36 23.08
C GLU C 85 -16.43 15.61 22.98
N ARG C 86 -15.62 15.86 24.00
CA ARG C 86 -14.63 16.94 23.95
C ARG C 86 -13.74 16.81 22.73
N ILE C 87 -13.22 15.60 22.49
CA ILE C 87 -12.32 15.36 21.38
C ILE C 87 -13.03 15.60 20.05
N ARG C 88 -14.24 15.06 19.91
CA ARG C 88 -14.93 15.19 18.63
C ARG C 88 -15.36 16.64 18.37
N LYS C 89 -15.66 17.39 19.42
CA LYS C 89 -15.95 18.81 19.24
C LYS C 89 -14.70 19.56 18.77
N ALA C 90 -13.56 19.30 19.43
CA ALA C 90 -12.31 19.95 19.00
C ALA C 90 -11.93 19.55 17.59
N ILE C 91 -12.27 18.33 17.17
CA ILE C 91 -11.96 17.90 15.81
C ILE C 91 -12.89 18.58 14.82
N GLU C 92 -14.19 18.66 15.12
CA GLU C 92 -15.12 19.36 14.25
C GLU C 92 -14.75 20.82 14.10
N GLN C 93 -14.18 21.42 15.14
CA GLN C 93 -13.71 22.80 15.05
C GLN C 93 -12.25 22.91 14.64
N GLY C 94 -11.53 21.79 14.56
CA GLY C 94 -10.13 21.82 14.16
C GLY C 94 -9.21 22.49 15.16
N ASN C 95 -9.40 22.21 16.46
CA ASN C 95 -8.61 22.81 17.51
C ASN C 95 -7.52 21.84 17.98
N ASP C 96 -6.44 22.41 18.49
CA ASP C 96 -5.33 21.63 19.03
C ASP C 96 -5.57 21.40 20.52
N MET C 97 -5.69 20.14 20.94
CA MET C 97 -6.14 19.81 22.28
C MET C 97 -5.28 18.69 22.84
N SER C 98 -5.63 18.26 24.06
CA SER C 98 -4.98 17.12 24.70
C SER C 98 -5.94 16.57 25.75
N VAL C 99 -6.03 15.24 25.83
CA VAL C 99 -7.00 14.58 26.70
C VAL C 99 -6.35 13.34 27.31
N CYS C 100 -6.60 13.11 28.59
CA CYS C 100 -6.23 11.88 29.27
C CYS C 100 -7.47 11.01 29.43
N LEU C 101 -7.41 9.78 28.92
CA LEU C 101 -8.53 8.85 29.03
C LEU C 101 -8.00 7.43 29.03
N LEU C 102 -8.89 6.50 29.38
CA LEU C 102 -8.52 5.09 29.43
C LEU C 102 -8.66 4.46 28.04
N ASN C 103 -7.57 3.85 27.57
CA ASN C 103 -7.56 3.18 26.28
C ASN C 103 -7.26 1.70 26.48
N TYR C 104 -7.58 0.92 25.45
CA TYR C 104 -7.44 -0.53 25.47
C TYR C 104 -6.49 -0.98 24.38
N ARG C 105 -5.67 -1.99 24.69
CA ARG C 105 -4.79 -2.58 23.70
C ARG C 105 -5.57 -3.62 22.89
N VAL C 106 -4.85 -4.42 22.09
CA VAL C 106 -5.51 -5.45 21.30
C VAL C 106 -5.85 -6.66 22.16
N ASP C 107 -4.98 -6.99 23.12
CA ASP C 107 -5.22 -8.13 23.99
C ASP C 107 -6.29 -7.86 25.04
N GLY C 108 -6.81 -6.63 25.11
CA GLY C 108 -7.83 -6.28 26.08
C GLY C 108 -7.33 -5.51 27.28
N THR C 109 -6.02 -5.46 27.50
CA THR C 109 -5.48 -4.74 28.64
C THR C 109 -5.72 -3.24 28.50
N THR C 110 -5.68 -2.56 29.63
CA THR C 110 -6.00 -1.14 29.71
C THR C 110 -4.77 -0.32 30.05
N PHE C 111 -4.82 0.96 29.68
CA PHE C 111 -3.75 1.88 30.01
C PHE C 111 -4.26 3.31 29.91
N TRP C 112 -3.72 4.17 30.77
CA TRP C 112 -4.09 5.59 30.76
C TRP C 112 -3.29 6.31 29.68
N ASN C 113 -3.99 6.81 28.66
CA ASN C 113 -3.37 7.51 27.54
C ASN C 113 -3.67 8.99 27.68
N GLN C 114 -2.62 9.78 27.91
CA GLN C 114 -2.69 11.24 27.84
C GLN C 114 -2.13 11.62 26.47
N PHE C 115 -3.01 11.94 25.53
CA PHE C 115 -2.62 12.13 24.14
C PHE C 115 -2.99 13.52 23.65
N PHE C 116 -2.18 14.03 22.73
CA PHE C 116 -2.33 15.35 22.14
C PHE C 116 -2.87 15.22 20.73
N ILE C 117 -3.45 16.33 20.23
CA ILE C 117 -4.00 16.38 18.88
C ILE C 117 -3.70 17.76 18.31
N ALA C 118 -3.00 17.81 17.19
CA ALA C 118 -2.67 19.05 16.50
C ALA C 118 -3.38 19.10 15.15
N ALA C 119 -3.85 20.29 14.78
CA ALA C 119 -4.58 20.51 13.54
C ALA C 119 -3.65 21.24 12.57
N LEU C 120 -2.88 20.47 11.81
CA LEU C 120 -2.00 21.06 10.80
C LEU C 120 -2.84 21.69 9.70
N ARG C 121 -2.57 22.96 9.43
CA ARG C 121 -3.29 23.70 8.39
C ARG C 121 -2.29 24.22 7.36
N ASP C 122 -2.77 24.37 6.13
CA ASP C 122 -1.91 24.79 5.03
C ASP C 122 -1.82 26.33 5.00
N ALA C 123 -1.30 26.86 3.89
CA ALA C 123 -1.22 28.31 3.73
C ALA C 123 -2.57 28.97 3.53
N GLY C 124 -3.62 28.20 3.30
CA GLY C 124 -4.97 28.71 3.17
C GLY C 124 -5.83 28.61 4.40
N GLY C 125 -5.32 28.01 5.48
CA GLY C 125 -6.07 27.87 6.71
C GLY C 125 -6.91 26.62 6.81
N ASN C 126 -6.85 25.72 5.83
CA ASN C 126 -7.64 24.50 5.84
C ASN C 126 -6.85 23.37 6.50
N VAL C 127 -7.55 22.56 7.29
CA VAL C 127 -6.92 21.45 7.99
C VAL C 127 -6.54 20.39 6.96
N THR C 128 -5.23 20.17 6.81
CA THR C 128 -4.73 19.17 5.87
C THR C 128 -4.65 17.79 6.49
N ASN C 129 -3.99 17.68 7.66
CA ASN C 129 -3.87 16.42 8.37
C ASN C 129 -3.96 16.68 9.87
N PHE C 130 -4.33 15.64 10.61
CA PHE C 130 -4.30 15.67 12.06
C PHE C 130 -3.13 14.84 12.56
N VAL C 131 -2.42 15.35 13.57
CA VAL C 131 -1.30 14.65 14.18
C VAL C 131 -1.66 14.33 15.61
N GLY C 132 -1.24 13.15 16.08
CA GLY C 132 -1.53 12.73 17.43
C GLY C 132 -0.34 12.09 18.11
N VAL C 133 -0.04 12.56 19.33
CA VAL C 133 1.05 12.02 20.15
C VAL C 133 0.43 11.44 21.40
N GLN C 134 0.69 10.15 21.65
CA GLN C 134 0.14 9.45 22.81
C GLN C 134 1.23 9.26 23.86
N CYS C 135 0.87 9.44 25.12
CA CYS C 135 1.79 9.29 26.24
C CYS C 135 1.14 8.41 27.30
N LYS C 136 1.81 7.32 27.66
CA LYS C 136 1.31 6.45 28.72
C LYS C 136 1.68 7.04 30.07
N VAL C 137 0.68 7.39 30.87
CA VAL C 137 0.88 8.03 32.16
C VAL C 137 0.45 7.08 33.27
N SER C 138 1.04 7.27 34.45
CA SER C 138 0.75 6.41 35.58
C SER C 138 -0.62 6.75 36.16
N ASP C 139 -1.02 5.98 37.19
CA ASP C 139 -2.34 6.16 37.78
C ASP C 139 -2.44 7.43 38.62
N GLN C 140 -1.32 7.90 39.16
CA GLN C 140 -1.31 9.16 39.91
C GLN C 140 -1.64 10.34 39.00
N TYR C 141 -0.93 10.44 37.86
CA TYR C 141 -1.20 11.47 36.88
C TYR C 141 -2.61 11.36 36.33
N ALA C 142 -3.05 10.13 36.03
CA ALA C 142 -4.42 9.94 35.57
C ALA C 142 -5.42 10.42 36.60
N ALA C 143 -5.17 10.13 37.88
CA ALA C 143 -6.08 10.57 38.94
C ALA C 143 -6.17 12.08 38.97
N THR C 144 -5.03 12.78 38.98
CA THR C 144 -5.05 14.24 39.08
C THR C 144 -5.71 14.87 37.86
N VAL C 145 -5.35 14.40 36.66
CA VAL C 145 -5.87 15.02 35.44
C VAL C 145 -7.35 14.71 35.27
N THR C 146 -7.78 13.51 35.63
CA THR C 146 -9.21 13.18 35.59
C THR C 146 -9.98 13.98 36.62
N LYS C 147 -9.37 14.24 37.78
CA LYS C 147 -10.00 15.11 38.77
C LYS C 147 -10.24 16.50 38.19
N GLN C 148 -9.22 17.06 37.53
CA GLN C 148 -9.38 18.38 36.91
C GLN C 148 -10.46 18.34 35.82
N GLN C 149 -10.41 17.35 34.95
CA GLN C 149 -11.33 17.29 33.82
C GLN C 149 -12.77 17.08 34.26
N GLU C 150 -12.98 16.33 35.34
CA GLU C 150 -14.32 16.19 35.90
C GLU C 150 -14.75 17.44 36.66
N GLU C 151 -13.80 18.13 37.30
CA GLU C 151 -14.08 19.44 37.89
C GLU C 151 -14.47 20.45 36.82
N GLU C 152 -14.08 20.22 35.57
CA GLU C 152 -14.54 21.04 34.44
C GLU C 152 -15.99 20.67 34.08
N GLU C 153 -16.91 21.09 34.94
CA GLU C 153 -18.34 20.85 34.75
C GLU C 153 -18.99 22.17 34.33
N GLU C 154 -19.26 22.31 33.03
CA GLU C 154 -19.87 23.52 32.47
C GLU C 154 -19.12 24.78 32.87
N1 FMN D . 17.01 -2.14 -8.63
C2 FMN D . 17.38 -3.35 -8.06
O2 FMN D . 18.53 -3.77 -8.20
N3 FMN D . 16.47 -4.09 -7.33
C4 FMN D . 15.18 -3.63 -7.18
O4 FMN D . 14.37 -4.29 -6.53
C4A FMN D . 14.79 -2.42 -7.74
N5 FMN D . 13.51 -1.96 -7.59
C5A FMN D . 13.14 -0.75 -8.15
C6 FMN D . 11.84 -0.28 -7.98
C7 FMN D . 11.45 0.93 -8.56
C7M FMN D . 10.05 1.42 -8.38
C8 FMN D . 12.38 1.67 -9.28
C8M FMN D . 11.97 2.98 -9.90
C9 FMN D . 13.67 1.20 -9.44
C9A FMN D . 14.06 -0.01 -8.88
N10 FMN D . 15.35 -0.47 -9.03
C10 FMN D . 15.72 -1.68 -8.47
C1' FMN D . 16.33 0.32 -9.82
C2' FMN D . 17.17 1.24 -8.94
O2' FMN D . 16.35 1.89 -8.00
C3' FMN D . 17.87 2.27 -9.82
O3' FMN D . 16.90 3.04 -10.50
C4' FMN D . 18.77 1.58 -10.83
O4' FMN D . 19.97 1.19 -10.19
C5' FMN D . 19.11 2.49 -12.00
O5' FMN D . 19.48 3.76 -11.49
P FMN D . 21.02 4.22 -11.55
O1P FMN D . 21.53 4.06 -12.96
O2P FMN D . 21.83 3.35 -10.61
O3P FMN D . 21.14 5.66 -11.13
N1 FMN E . -12.21 -8.88 -10.06
C2 FMN E . -12.09 -10.00 -9.27
O2 FMN E . -13.06 -10.41 -8.64
N3 FMN E . -10.89 -10.68 -9.19
C4 FMN E . -9.78 -10.22 -9.88
O4 FMN E . -8.71 -10.82 -9.80
C4A FMN E . -9.90 -9.09 -10.68
N5 FMN E . -8.80 -8.62 -11.39
C5A FMN E . -8.92 -7.50 -12.17
C6 FMN E . -7.81 -7.04 -12.88
C7 FMN E . -7.92 -5.91 -13.67
C7M FMN E . -6.73 -5.41 -14.44
C8 FMN E . -9.14 -5.23 -13.76
C8M FMN E . -9.26 -4.00 -14.62
C9 FMN E . -10.24 -5.69 -13.05
C9A FMN E . -10.13 -6.83 -12.25
N10 FMN E . -11.22 -7.29 -11.56
C10 FMN E . -11.11 -8.41 -10.76
C1' FMN E . -12.52 -6.56 -11.64
C2' FMN E . -13.44 -7.14 -12.71
O2' FMN E . -12.70 -7.39 -13.89
C3' FMN E . -14.55 -6.15 -13.01
O3' FMN E . -14.00 -4.95 -13.48
C4' FMN E . -15.37 -5.88 -11.75
O4' FMN E . -16.26 -6.95 -11.53
C5' FMN E . -16.16 -4.59 -11.86
O5' FMN E . -16.80 -4.55 -13.10
P FMN E . -18.39 -4.76 -13.19
O1P FMN E . -19.07 -3.79 -12.25
O2P FMN E . -18.73 -6.18 -12.80
O3P FMN E . -18.86 -4.50 -14.61
CL CL F . 3.71 -6.68 -28.56
CL CL G . -8.95 -22.77 -0.82
CL CL H . -6.46 -19.54 6.68
N1 FMN I . -8.79 8.48 20.76
C2 FMN I . -8.31 7.59 21.70
O2 FMN I . -9.10 7.07 22.50
N3 FMN I . -6.97 7.27 21.76
C4 FMN I . -6.09 7.84 20.88
O4 FMN I . -4.90 7.56 20.92
C4A FMN I . -6.56 8.74 19.92
N5 FMN I . -5.67 9.32 19.02
C5A FMN I . -6.14 10.21 18.08
C6 FMN I . -5.25 10.79 17.17
C7 FMN I . -5.72 11.69 16.22
C7M FMN I . -4.75 12.31 15.26
C8 FMN I . -7.08 12.00 16.17
C8M FMN I . -7.58 12.97 15.14
C9 FMN I . -7.96 11.42 17.07
C9A FMN I . -7.49 10.52 18.03
N10 FMN I . -8.37 9.94 18.91
C10 FMN I . -7.91 9.06 19.86
C1' FMN I . -9.83 10.29 18.86
C2' FMN I . -10.62 9.31 18.02
O2' FMN I . -9.93 9.03 16.82
C3' FMN I . -11.98 9.91 17.69
O3' FMN I . -11.81 11.11 16.97
C4' FMN I . -12.74 10.20 18.98
O4' FMN I . -13.30 9.00 19.48
C5' FMN I . -13.87 11.20 18.74
O5' FMN I . -14.58 10.83 17.59
P FMN I . -16.06 10.21 17.73
O1P FMN I . -16.89 11.15 18.57
O2P FMN I . -15.97 8.86 18.39
O3P FMN I . -16.68 10.08 16.35
#